data_3LB5
#
_entry.id   3LB5
#
_cell.length_a   91.710
_cell.length_b   97.920
_cell.length_c   111.850
_cell.angle_alpha   90.00
_cell.angle_beta   90.00
_cell.angle_gamma   90.00
#
_symmetry.space_group_name_H-M   'C 2 2 21'
#
loop_
_entity.id
_entity.type
_entity.pdbx_description
1 polymer 'Hit-like protein involved in cell-cycle regulation'
2 non-polymer 'UNKNOWN LIGAND'
3 water water
#
_entity_poly.entity_id   1
_entity_poly.type   'polypeptide(L)'
_entity_poly.pdbx_seq_one_letter_code
;MAHHHHHHMGTLEAQTQGPGSMKQAYDNNNIFAKLIRNEIPSVRVYEDDDVIAFMDIMPQAPGHTLVIPKKGSRNLLDAD
TETLFPVIKAVQKIAKAVKKAFQADGITVMQFNEAASQQTVYHLHFHIIPRMEGIELTPHNNIITPTEILEENAKKIRAA
L
;
_entity_poly.pdbx_strand_id   A,B,C,D
#
loop_
_chem_comp.id
_chem_comp.type
_chem_comp.name
_chem_comp.formula
UNL non-polymer 'UNKNOWN LIGAND' ?
#
# COMPACT_ATOMS: atom_id res chain seq x y z
N ALA A 25 5.99 -24.94 30.71
CA ALA A 25 6.48 -23.57 31.06
C ALA A 25 7.76 -23.19 30.28
N TYR A 26 7.93 -21.89 30.02
CA TYR A 26 9.15 -21.35 29.40
C TYR A 26 10.38 -21.61 30.27
N ASP A 27 11.43 -22.10 29.62
CA ASP A 27 12.67 -22.45 30.30
C ASP A 27 13.76 -21.49 29.86
N ASN A 28 14.18 -20.64 30.79
CA ASN A 28 15.21 -19.60 30.61
C ASN A 28 16.58 -20.14 30.22
N ASN A 29 16.73 -21.45 30.27
CA ASN A 29 18.02 -22.09 29.98
C ASN A 29 18.17 -22.53 28.53
N ASN A 30 17.12 -22.33 27.74
CA ASN A 30 17.15 -22.72 26.35
C ASN A 30 18.22 -21.93 25.59
N ILE A 31 18.72 -22.56 24.55
CA ILE A 31 19.80 -21.97 23.75
C ILE A 31 19.59 -20.53 23.21
N PHE A 32 18.37 -20.16 22.83
CA PHE A 32 18.15 -18.80 22.34
C PHE A 32 18.15 -17.75 23.49
N ALA A 33 17.66 -18.15 24.67
CA ALA A 33 17.80 -17.31 25.88
C ALA A 33 19.30 -17.05 26.21
N LYS A 34 20.09 -18.11 26.10
CA LYS A 34 21.54 -18.02 26.29
C LYS A 34 22.15 -17.08 25.25
N LEU A 35 21.73 -17.23 24.00
CA LEU A 35 22.14 -16.32 22.90
C LEU A 35 21.85 -14.84 23.25
N ILE A 36 20.61 -14.54 23.64
CA ILE A 36 20.24 -13.20 24.14
C ILE A 36 21.18 -12.68 25.24
N ARG A 37 21.58 -13.57 26.15
CA ARG A 37 22.49 -13.19 27.23
C ARG A 37 23.98 -13.18 26.83
N ASN A 38 24.25 -13.29 25.53
CA ASN A 38 25.63 -13.40 25.02
C ASN A 38 26.45 -14.55 25.64
N GLU A 39 25.78 -15.66 25.95
CA GLU A 39 26.44 -16.82 26.55
C GLU A 39 27.10 -17.71 25.50
N ILE A 40 26.59 -17.60 24.27
CA ILE A 40 27.08 -18.35 23.13
C ILE A 40 27.20 -17.37 21.96
N PRO A 41 28.08 -17.68 20.99
CA PRO A 41 28.17 -16.72 19.89
C PRO A 41 26.99 -16.82 18.91
N SER A 42 26.77 -15.74 18.19
CA SER A 42 25.79 -15.70 17.12
C SER A 42 26.33 -14.83 16.01
N VAL A 43 25.77 -14.97 14.81
CA VAL A 43 26.14 -14.14 13.68
C VAL A 43 24.92 -13.24 13.43
N ARG A 44 24.96 -12.02 13.96
CA ARG A 44 23.78 -11.17 13.96
C ARG A 44 23.70 -10.24 12.77
N VAL A 45 22.49 -10.03 12.27
CA VAL A 45 22.28 -9.06 11.18
C VAL A 45 21.49 -7.81 11.60
N TYR A 46 20.68 -7.91 12.65
CA TYR A 46 19.92 -6.76 13.15
C TYR A 46 19.64 -6.97 14.62
N GLU A 47 19.62 -5.88 15.37
CA GLU A 47 19.26 -5.92 16.77
C GLU A 47 18.66 -4.58 17.16
N ASP A 48 17.61 -4.60 17.97
CA ASP A 48 17.09 -3.39 18.65
C ASP A 48 16.62 -3.72 20.07
N ASP A 49 15.89 -2.80 20.71
CA ASP A 49 15.41 -3.01 22.07
CA ASP A 49 15.39 -3.01 22.08
C ASP A 49 14.57 -4.30 22.23
N ASP A 50 13.89 -4.69 21.15
CA ASP A 50 12.91 -5.78 21.19
C ASP A 50 13.34 -7.12 20.58
N VAL A 51 14.27 -7.09 19.62
CA VAL A 51 14.54 -8.31 18.82
C VAL A 51 16.02 -8.48 18.46
N ILE A 52 16.36 -9.70 18.05
CA ILE A 52 17.63 -9.99 17.43
C ILE A 52 17.31 -10.84 16.21
N ALA A 53 17.95 -10.49 15.09
CA ALA A 53 17.92 -11.30 13.89
C ALA A 53 19.32 -11.88 13.66
N PHE A 54 19.41 -13.18 13.37
CA PHE A 54 20.72 -13.81 13.26
C PHE A 54 20.64 -15.02 12.33
N MET A 55 21.80 -15.47 11.87
CA MET A 55 21.84 -16.53 10.87
C MET A 55 21.49 -17.86 11.51
N ASP A 56 20.63 -18.63 10.84
CA ASP A 56 20.43 -20.03 11.20
C ASP A 56 21.72 -20.79 10.92
N ILE A 57 22.21 -21.54 11.90
CA ILE A 57 23.42 -22.37 11.74
C ILE A 57 23.17 -23.67 10.97
N MET A 58 21.89 -23.95 10.71
CA MET A 58 21.46 -25.13 9.97
C MET A 58 20.58 -24.61 8.82
N PRO A 59 21.13 -23.74 7.95
CA PRO A 59 20.29 -23.07 6.97
C PRO A 59 19.68 -24.00 5.92
N GLN A 60 18.45 -23.68 5.56
CA GLN A 60 17.75 -24.39 4.51
C GLN A 60 18.10 -23.81 3.13
N ALA A 61 18.67 -22.60 3.14
CA ALA A 61 19.22 -21.94 1.95
C ALA A 61 20.22 -20.86 2.41
N PRO A 62 21.18 -20.50 1.53
CA PRO A 62 22.08 -19.43 1.92
C PRO A 62 21.32 -18.14 2.29
N GLY A 63 21.57 -17.62 3.49
CA GLY A 63 20.94 -16.38 3.95
C GLY A 63 19.72 -16.60 4.85
N HIS A 64 19.42 -17.86 5.14
CA HIS A 64 18.35 -18.24 6.08
C HIS A 64 18.57 -17.56 7.43
N THR A 65 17.62 -16.69 7.79
CA THR A 65 17.77 -15.84 8.96
C THR A 65 16.67 -16.16 9.95
N LEU A 66 16.97 -16.08 11.25
CA LEU A 66 15.93 -16.20 12.28
C LEU A 66 15.68 -14.87 12.98
N VAL A 67 14.44 -14.63 13.36
CA VAL A 67 14.10 -13.45 14.17
C VAL A 67 13.52 -13.94 15.51
N ILE A 68 14.04 -13.41 16.63
CA ILE A 68 13.53 -13.74 17.96
C ILE A 68 13.22 -12.50 18.75
N PRO A 69 12.20 -12.57 19.62
CA PRO A 69 12.04 -11.47 20.59
C PRO A 69 13.08 -11.67 21.70
N LYS A 70 13.52 -10.55 22.29
CA LYS A 70 14.35 -10.59 23.48
C LYS A 70 13.53 -11.03 24.69
N LYS A 71 12.22 -10.78 24.65
CA LYS A 71 11.34 -11.22 25.73
C LYS A 71 10.97 -12.66 25.44
N GLY A 72 11.22 -13.55 26.39
CA GLY A 72 11.09 -14.99 26.17
C GLY A 72 9.66 -15.51 26.29
N SER A 73 9.27 -16.33 25.32
CA SER A 73 8.10 -17.21 25.42
C SER A 73 8.44 -18.48 24.65
N ARG A 74 7.70 -19.56 24.89
CA ARG A 74 7.97 -20.84 24.23
C ARG A 74 7.80 -20.74 22.71
N ASN A 75 6.75 -20.05 22.30
CA ASN A 75 6.41 -19.92 20.87
C ASN A 75 5.33 -18.84 20.68
N LEU A 76 4.50 -18.98 19.64
CA LEU A 76 3.45 -17.98 19.38
C LEU A 76 2.32 -18.03 20.40
N LEU A 77 2.06 -19.23 20.89
CA LEU A 77 0.85 -19.51 21.66
C LEU A 77 0.88 -18.86 23.05
N ASP A 78 2.09 -18.70 23.61
CA ASP A 78 2.27 -18.10 24.93
C ASP A 78 2.84 -16.67 24.95
N ALA A 79 3.25 -16.14 23.79
CA ALA A 79 3.80 -14.77 23.69
C ALA A 79 2.79 -13.69 24.10
N ASP A 80 3.28 -12.65 24.80
CA ASP A 80 2.46 -11.46 25.07
C ASP A 80 2.14 -10.89 23.69
N THR A 81 0.92 -10.42 23.49
CA THR A 81 0.56 -9.91 22.15
C THR A 81 1.43 -8.72 21.76
N GLU A 82 1.70 -7.81 22.70
CA GLU A 82 2.53 -6.63 22.43
C GLU A 82 3.94 -7.02 21.95
N THR A 83 4.42 -8.19 22.35
CA THR A 83 5.70 -8.69 21.87
C THR A 83 5.71 -8.94 20.36
N LEU A 84 4.55 -9.31 19.81
CA LEU A 84 4.45 -9.73 18.42
C LEU A 84 4.68 -8.59 17.42
N PHE A 85 4.36 -7.36 17.83
CA PHE A 85 4.45 -6.24 16.88
C PHE A 85 5.90 -5.95 16.45
N PRO A 86 6.81 -5.72 17.41
CA PRO A 86 8.19 -5.55 16.98
C PRO A 86 8.76 -6.80 16.28
N VAL A 87 8.29 -7.97 16.66
CA VAL A 87 8.76 -9.21 16.01
C VAL A 87 8.35 -9.24 14.52
N ILE A 88 7.08 -8.99 14.25
CA ILE A 88 6.61 -9.06 12.86
C ILE A 88 7.18 -7.90 12.01
N LYS A 89 7.39 -6.74 12.62
CA LYS A 89 8.04 -5.64 11.92
C LYS A 89 9.44 -6.04 11.46
N ALA A 90 10.17 -6.72 12.33
CA ALA A 90 11.54 -7.12 12.04
C ALA A 90 11.58 -8.26 11.03
N VAL A 91 10.60 -9.16 11.12
CA VAL A 91 10.47 -10.26 10.13
C VAL A 91 10.30 -9.64 8.75
N GLN A 92 9.48 -8.60 8.67
CA GLN A 92 9.28 -7.89 7.38
C GLN A 92 10.56 -7.23 6.91
N LYS A 93 11.23 -6.53 7.82
CA LYS A 93 12.44 -5.79 7.52
C LYS A 93 13.53 -6.78 7.03
N ILE A 94 13.60 -7.94 7.71
CA ILE A 94 14.58 -8.98 7.35
C ILE A 94 14.23 -9.69 6.03
N ALA A 95 12.96 -9.98 5.81
CA ALA A 95 12.50 -10.55 4.53
C ALA A 95 12.93 -9.71 3.32
N LYS A 96 12.70 -8.39 3.42
CA LYS A 96 13.08 -7.44 2.38
C LYS A 96 14.60 -7.43 2.13
N ALA A 97 15.37 -7.32 3.21
CA ALA A 97 16.82 -7.33 3.15
C ALA A 97 17.43 -8.63 2.62
N VAL A 98 16.92 -9.76 3.10
CA VAL A 98 17.39 -11.07 2.61
C VAL A 98 17.14 -11.23 1.11
N LYS A 99 15.93 -10.86 0.68
CA LYS A 99 15.58 -10.93 -0.75
C LYS A 99 16.54 -10.09 -1.59
N LYS A 100 16.85 -8.89 -1.11
CA LYS A 100 17.70 -7.95 -1.84
C LYS A 100 19.15 -8.41 -1.82
N ALA A 101 19.60 -8.93 -0.68
CA ALA A 101 20.97 -9.39 -0.49
C ALA A 101 21.38 -10.57 -1.36
N PHE A 102 20.42 -11.45 -1.67
CA PHE A 102 20.72 -12.69 -2.41
C PHE A 102 19.95 -12.72 -3.71
N GLN A 103 19.29 -11.62 -4.01
CA GLN A 103 18.52 -11.49 -5.24
C GLN A 103 17.62 -12.72 -5.39
N ALA A 104 16.90 -13.02 -4.30
CA ALA A 104 16.10 -14.23 -4.22
C ALA A 104 14.83 -14.04 -5.01
N ASP A 105 14.34 -15.12 -5.62
CA ASP A 105 13.07 -15.06 -6.31
C ASP A 105 11.86 -14.96 -5.36
N GLY A 106 12.03 -15.44 -4.13
CA GLY A 106 10.93 -15.51 -3.16
C GLY A 106 11.46 -15.54 -1.74
N ILE A 107 10.56 -15.39 -0.76
CA ILE A 107 10.85 -15.53 0.67
C ILE A 107 9.76 -16.39 1.31
N THR A 108 10.19 -17.42 2.04
CA THR A 108 9.29 -18.24 2.83
C THR A 108 9.49 -17.90 4.30
N VAL A 109 8.39 -17.57 4.96
CA VAL A 109 8.37 -17.29 6.39
C VAL A 109 7.61 -18.44 7.06
N MET A 110 8.22 -18.98 8.11
CA MET A 110 7.65 -20.11 8.87
C MET A 110 7.81 -19.83 10.36
N GLN A 111 6.87 -20.33 11.13
CA GLN A 111 6.95 -20.22 12.58
C GLN A 111 6.28 -21.49 13.09
N PHE A 112 7.01 -22.26 13.89
CA PHE A 112 6.58 -23.57 14.33
C PHE A 112 6.20 -23.62 15.82
N ASN A 113 5.07 -24.25 16.11
CA ASN A 113 4.61 -24.37 17.50
C ASN A 113 4.43 -25.82 17.94
N GLU A 114 5.30 -26.25 18.86
CA GLU A 114 5.29 -27.61 19.43
C GLU A 114 5.94 -28.65 18.53
N ALA A 115 6.29 -29.78 19.15
CA ALA A 115 7.00 -30.91 18.53
C ALA A 115 6.38 -31.39 17.23
N ALA A 116 5.04 -31.49 17.21
CA ALA A 116 4.29 -31.93 16.03
C ALA A 116 4.37 -30.98 14.85
N SER A 117 4.73 -29.72 15.11
CA SER A 117 5.05 -28.79 14.02
C SER A 117 6.57 -28.66 13.82
N GLN A 118 7.32 -29.61 14.39
CA GLN A 118 8.78 -29.68 14.29
C GLN A 118 9.52 -28.53 14.98
N GLN A 119 8.88 -27.89 15.95
CA GLN A 119 9.57 -26.93 16.79
C GLN A 119 10.62 -27.69 17.62
N THR A 120 11.85 -27.21 17.63
CA THR A 120 12.89 -27.88 18.42
C THR A 120 13.51 -27.01 19.54
N VAL A 121 13.70 -25.72 19.28
CA VAL A 121 14.13 -24.76 20.32
C VAL A 121 12.90 -24.03 20.84
N TYR A 122 12.63 -24.14 22.13
CA TYR A 122 11.40 -23.56 22.70
C TYR A 122 11.54 -22.11 23.15
N HIS A 123 11.90 -21.27 22.18
CA HIS A 123 11.87 -19.82 22.33
C HIS A 123 11.28 -19.34 21.00
N LEU A 124 10.31 -18.45 21.05
CA LEU A 124 9.65 -18.00 19.81
C LEU A 124 10.66 -17.57 18.75
N HIS A 125 10.55 -18.16 17.56
CA HIS A 125 11.37 -17.71 16.44
C HIS A 125 10.67 -17.86 15.10
N PHE A 126 10.86 -16.86 14.24
CA PHE A 126 10.39 -16.93 12.87
C PHE A 126 11.55 -17.20 11.97
N HIS A 127 11.31 -18.06 10.99
CA HIS A 127 12.26 -18.35 9.92
C HIS A 127 12.01 -17.41 8.74
N ILE A 128 13.09 -16.87 8.14
CA ILE A 128 13.03 -16.15 6.87
C ILE A 128 14.00 -16.82 5.92
N ILE A 129 13.45 -17.49 4.93
CA ILE A 129 14.24 -18.36 4.04
C ILE A 129 14.16 -17.85 2.59
N PRO A 130 15.30 -17.49 1.99
CA PRO A 130 15.22 -17.08 0.58
C PRO A 130 14.94 -18.26 -0.34
N ARG A 131 14.24 -17.99 -1.43
CA ARG A 131 13.83 -19.01 -2.37
C ARG A 131 14.24 -18.62 -3.78
N MET A 132 14.65 -19.61 -4.55
CA MET A 132 14.97 -19.45 -5.97
C MET A 132 14.04 -20.33 -6.81
N GLU A 133 13.63 -19.81 -7.97
CA GLU A 133 12.82 -20.53 -8.94
C GLU A 133 13.39 -21.92 -9.15
N GLY A 134 12.55 -22.93 -9.00
CA GLY A 134 12.93 -24.32 -9.29
C GLY A 134 13.73 -25.07 -8.24
N ILE A 135 14.06 -24.42 -7.12
CA ILE A 135 14.75 -25.10 -6.01
C ILE A 135 13.80 -25.40 -4.83
N GLU A 136 13.57 -26.69 -4.59
CA GLU A 136 12.72 -27.15 -3.50
C GLU A 136 13.49 -27.06 -2.19
N LEU A 137 12.79 -26.77 -1.08
CA LEU A 137 13.42 -26.73 0.23
C LEU A 137 13.69 -28.14 0.77
N ILE A 144 24.72 -28.21 8.31
CA ILE A 144 25.40 -27.46 9.37
C ILE A 144 26.51 -26.63 8.73
N THR A 145 26.50 -25.33 8.99
CA THR A 145 27.32 -24.41 8.22
C THR A 145 28.28 -23.61 9.11
N PRO A 146 29.58 -23.71 8.81
CA PRO A 146 30.60 -22.99 9.56
C PRO A 146 30.38 -21.48 9.63
N THR A 147 30.78 -20.93 10.76
CA THR A 147 30.60 -19.53 11.09
C THR A 147 31.14 -18.56 10.04
N GLU A 148 32.30 -18.86 9.46
CA GLU A 148 32.84 -17.97 8.44
C GLU A 148 31.86 -17.75 7.25
N ILE A 149 31.20 -18.82 6.81
CA ILE A 149 30.23 -18.72 5.70
C ILE A 149 28.98 -17.91 6.12
N LEU A 150 28.47 -18.18 7.31
CA LEU A 150 27.33 -17.42 7.83
C LEU A 150 27.66 -15.94 7.97
N GLU A 151 28.91 -15.64 8.31
CA GLU A 151 29.40 -14.25 8.41
C GLU A 151 29.48 -13.57 7.05
N GLU A 152 29.96 -14.29 6.02
CA GLU A 152 29.88 -13.77 4.66
C GLU A 152 28.44 -13.40 4.32
N ASN A 153 27.50 -14.29 4.68
CA ASN A 153 26.10 -14.10 4.31
C ASN A 153 25.44 -12.96 5.09
N ALA A 154 25.79 -12.85 6.36
CA ALA A 154 25.31 -11.77 7.22
C ALA A 154 25.73 -10.39 6.76
N LYS A 155 26.95 -10.28 6.23
CA LYS A 155 27.46 -8.98 5.76
C LYS A 155 26.57 -8.46 4.64
N LYS A 156 26.22 -9.36 3.71
CA LYS A 156 25.28 -9.05 2.63
C LYS A 156 23.90 -8.58 3.12
N ILE A 157 23.35 -9.25 4.14
CA ILE A 157 22.04 -8.89 4.67
C ILE A 157 22.12 -7.53 5.35
N ARG A 158 23.19 -7.31 6.12
CA ARG A 158 23.42 -6.03 6.81
C ARG A 158 23.47 -4.88 5.81
N ALA A 159 24.17 -5.11 4.70
CA ALA A 159 24.32 -4.08 3.66
C ALA A 159 22.98 -3.69 3.03
N ALA A 160 22.05 -4.66 2.95
CA ALA A 160 20.77 -4.48 2.24
C ALA A 160 19.68 -3.90 3.13
N LEU A 161 19.98 -3.74 4.41
CA LEU A 161 19.05 -3.13 5.35
C LEU A 161 18.89 -1.64 5.06
N GLN B 24 6.00 -5.33 -9.31
CA GLN B 24 4.75 -5.75 -10.01
C GLN B 24 3.52 -5.13 -9.32
N ALA B 25 2.48 -4.90 -10.10
CA ALA B 25 1.27 -4.26 -9.60
C ALA B 25 0.40 -5.28 -8.88
N TYR B 26 -0.22 -4.82 -7.80
CA TYR B 26 -1.22 -5.62 -7.12
C TYR B 26 -2.40 -5.85 -8.08
N ASP B 27 -2.97 -7.06 -8.02
CA ASP B 27 -4.04 -7.48 -8.90
C ASP B 27 -5.35 -7.37 -8.12
N ASN B 28 -6.12 -6.33 -8.39
CA ASN B 28 -7.38 -6.15 -7.69
C ASN B 28 -8.44 -7.22 -7.99
N ASN B 29 -8.20 -8.04 -9.01
CA ASN B 29 -9.09 -9.15 -9.31
C ASN B 29 -8.70 -10.50 -8.69
N ASN B 30 -7.64 -10.51 -7.86
CA ASN B 30 -7.21 -11.73 -7.18
C ASN B 30 -8.30 -12.24 -6.24
N ILE B 31 -8.38 -13.55 -6.06
CA ILE B 31 -9.56 -14.12 -5.38
C ILE B 31 -9.77 -13.65 -3.92
N PHE B 32 -8.69 -13.33 -3.21
CA PHE B 32 -8.84 -12.77 -1.86
C PHE B 32 -9.32 -11.31 -1.85
N ALA B 33 -8.85 -10.47 -2.77
CA ALA B 33 -9.44 -9.13 -2.93
C ALA B 33 -10.96 -9.23 -3.24
N LYS B 34 -11.31 -10.19 -4.07
CA LYS B 34 -12.73 -10.44 -4.42
C LYS B 34 -13.53 -10.89 -3.19
N LEU B 35 -12.96 -11.76 -2.36
CA LEU B 35 -13.57 -12.18 -1.07
C LEU B 35 -13.83 -10.96 -0.17
N ILE B 36 -12.81 -10.13 0.00
CA ILE B 36 -12.90 -8.91 0.83
C ILE B 36 -14.04 -8.01 0.37
N ARG B 37 -14.18 -7.82 -0.95
CA ARG B 37 -15.28 -7.03 -1.52
C ARG B 37 -16.62 -7.75 -1.61
N ASN B 38 -16.71 -8.97 -1.07
CA ASN B 38 -17.98 -9.69 -1.03
C ASN B 38 -18.46 -10.15 -2.41
N GLU B 39 -17.51 -10.42 -3.29
CA GLU B 39 -17.86 -10.83 -4.65
C GLU B 39 -17.84 -12.35 -4.79
N ILE B 40 -17.19 -13.03 -3.85
CA ILE B 40 -17.24 -14.51 -3.75
C ILE B 40 -17.51 -14.91 -2.30
N PRO B 41 -18.08 -16.12 -2.05
CA PRO B 41 -18.33 -16.50 -0.66
C PRO B 41 -17.07 -17.01 0.04
N SER B 42 -17.13 -16.99 1.38
CA SER B 42 -16.10 -17.57 2.22
C SER B 42 -16.75 -18.17 3.47
N VAL B 43 -15.99 -19.00 4.17
CA VAL B 43 -16.46 -19.54 5.43
C VAL B 43 -15.58 -18.85 6.45
N ARG B 44 -16.10 -17.75 7.00
CA ARG B 44 -15.32 -16.90 7.87
C ARG B 44 -15.45 -17.38 9.32
N VAL B 45 -14.33 -17.39 10.03
CA VAL B 45 -14.33 -17.76 11.46
C VAL B 45 -14.18 -16.53 12.37
N TYR B 46 -13.57 -15.47 11.87
CA TYR B 46 -13.30 -14.28 12.68
C TYR B 46 -13.08 -13.11 11.74
N GLU B 47 -13.44 -11.92 12.22
CA GLU B 47 -13.32 -10.70 11.44
C GLU B 47 -13.30 -9.50 12.41
N ASP B 48 -12.44 -8.54 12.14
CA ASP B 48 -12.51 -7.23 12.77
C ASP B 48 -12.36 -6.16 11.70
N ASP B 49 -12.09 -4.91 12.07
CA ASP B 49 -11.97 -3.83 11.09
C ASP B 49 -10.82 -4.05 10.08
N ASP B 50 -9.85 -4.88 10.47
CA ASP B 50 -8.60 -4.97 9.72
C ASP B 50 -8.34 -6.33 9.08
N VAL B 51 -9.00 -7.38 9.53
CA VAL B 51 -8.65 -8.71 9.02
C VAL B 51 -9.84 -9.62 8.87
N ILE B 52 -9.66 -10.66 8.08
CA ILE B 52 -10.63 -11.70 7.95
C ILE B 52 -9.89 -13.00 8.10
N ALA B 53 -10.45 -13.91 8.89
CA ALA B 53 -9.94 -15.27 9.00
C ALA B 53 -11.00 -16.21 8.48
N PHE B 54 -10.59 -17.16 7.64
CA PHE B 54 -11.54 -17.96 6.90
C PHE B 54 -10.91 -19.30 6.55
N MET B 55 -11.77 -20.28 6.29
CA MET B 55 -11.32 -21.64 6.04
C MET B 55 -10.65 -21.75 4.68
N ASP B 56 -9.50 -22.42 4.65
CA ASP B 56 -8.89 -22.80 3.39
C ASP B 56 -9.75 -23.90 2.75
N ILE B 57 -10.12 -23.73 1.47
CA ILE B 57 -10.97 -24.71 0.77
C ILE B 57 -10.23 -25.94 0.25
N MET B 58 -8.90 -25.92 0.28
CA MET B 58 -8.12 -27.12 -0.01
C MET B 58 -7.17 -27.37 1.15
N PRO B 59 -7.73 -27.75 2.32
CA PRO B 59 -6.89 -27.69 3.52
C PRO B 59 -5.81 -28.77 3.54
N GLN B 60 -4.66 -28.44 4.13
CA GLN B 60 -3.59 -29.42 4.32
C GLN B 60 -3.82 -30.27 5.55
N ALA B 61 -4.75 -29.85 6.41
CA ALA B 61 -5.21 -30.60 7.57
C ALA B 61 -6.57 -30.04 7.97
N PRO B 62 -7.43 -30.85 8.62
CA PRO B 62 -8.75 -30.30 8.94
C PRO B 62 -8.64 -29.13 9.92
N GLY B 63 -9.36 -28.05 9.63
CA GLY B 63 -9.27 -26.83 10.44
C GLY B 63 -8.27 -25.77 9.96
N HIS B 64 -7.55 -26.09 8.90
CA HIS B 64 -6.56 -25.18 8.25
C HIS B 64 -7.27 -23.86 7.89
N THR B 65 -6.77 -22.79 8.49
CA THR B 65 -7.37 -21.46 8.40
C THR B 65 -6.39 -20.48 7.79
N LEU B 66 -6.93 -19.51 7.04
CA LEU B 66 -6.15 -18.44 6.46
C LEU B 66 -6.48 -17.12 7.14
N VAL B 67 -5.46 -16.29 7.36
CA VAL B 67 -5.72 -14.94 7.92
C VAL B 67 -5.21 -13.91 6.91
N ILE B 68 -6.08 -12.97 6.52
CA ILE B 68 -5.68 -11.91 5.56
C ILE B 68 -5.97 -10.52 6.11
N PRO B 69 -5.14 -9.52 5.71
CA PRO B 69 -5.55 -8.14 5.93
C PRO B 69 -6.69 -7.75 4.97
N LYS B 70 -7.53 -6.82 5.38
CA LYS B 70 -8.55 -6.29 4.47
C LYS B 70 -7.86 -5.26 3.56
N LYS B 71 -6.78 -4.66 4.06
CA LYS B 71 -6.01 -3.75 3.23
C LYS B 71 -5.08 -4.53 2.31
N GLY B 72 -5.18 -4.24 1.01
CA GLY B 72 -4.46 -4.99 -0.02
C GLY B 72 -2.95 -4.80 -0.05
N SER B 73 -2.21 -5.91 -0.11
CA SER B 73 -0.82 -5.91 -0.56
C SER B 73 -0.59 -7.27 -1.19
N ARG B 74 0.38 -7.37 -2.09
CA ARG B 74 0.66 -8.66 -2.74
C ARG B 74 1.12 -9.71 -1.74
N ASN B 75 1.92 -9.28 -0.77
CA ASN B 75 2.51 -10.21 0.22
C ASN B 75 3.10 -9.43 1.39
N LEU B 76 4.04 -10.02 2.13
CA LEU B 76 4.60 -9.37 3.32
C LEU B 76 5.51 -8.18 2.98
N LEU B 77 6.22 -8.33 1.87
CA LEU B 77 7.25 -7.38 1.42
C LEU B 77 6.70 -5.99 1.09
N ASP B 78 5.51 -5.94 0.50
CA ASP B 78 4.90 -4.64 0.12
C ASP B 78 3.79 -4.16 1.06
N ALA B 79 3.51 -4.91 2.13
CA ALA B 79 2.49 -4.50 3.10
C ALA B 79 2.97 -3.27 3.87
N ASP B 80 2.03 -2.42 4.27
CA ASP B 80 2.29 -1.37 5.26
C ASP B 80 2.70 -2.05 6.55
N THR B 81 3.73 -1.54 7.23
CA THR B 81 4.10 -2.13 8.53
C THR B 81 2.94 -2.07 9.55
N GLU B 82 2.17 -0.98 9.54
CA GLU B 82 1.02 -0.86 10.48
C GLU B 82 -0.01 -1.97 10.31
N THR B 83 -0.17 -2.44 9.07
CA THR B 83 -1.12 -3.50 8.76
C THR B 83 -0.74 -4.81 9.44
N LEU B 84 0.55 -5.05 9.53
CA LEU B 84 1.06 -6.28 10.13
C LEU B 84 0.67 -6.49 11.61
N PHE B 85 0.39 -5.42 12.34
CA PHE B 85 0.07 -5.53 13.76
C PHE B 85 -1.26 -6.24 13.98
N PRO B 86 -2.36 -5.71 13.43
CA PRO B 86 -3.61 -6.47 13.57
C PRO B 86 -3.57 -7.83 12.91
N VAL B 87 -2.77 -8.00 11.85
CA VAL B 87 -2.65 -9.33 11.20
C VAL B 87 -2.03 -10.34 12.16
N ILE B 88 -0.89 -9.99 12.76
CA ILE B 88 -0.18 -10.93 13.60
C ILE B 88 -0.97 -11.23 14.88
N LYS B 89 -1.65 -10.22 15.43
CA LYS B 89 -2.54 -10.43 16.57
C LYS B 89 -3.60 -11.50 16.26
N ALA B 90 -4.19 -11.39 15.08
CA ALA B 90 -5.24 -12.31 14.66
C ALA B 90 -4.63 -13.70 14.35
N VAL B 91 -3.44 -13.72 13.76
CA VAL B 91 -2.71 -15.00 13.56
C VAL B 91 -2.49 -15.72 14.92
N GLN B 92 -2.13 -14.98 15.96
CA GLN B 92 -1.95 -15.59 17.28
C GLN B 92 -3.29 -16.07 17.83
N LYS B 93 -4.31 -15.23 17.71
CA LYS B 93 -5.65 -15.57 18.20
C LYS B 93 -6.18 -16.82 17.51
N ILE B 94 -5.99 -16.90 16.20
CA ILE B 94 -6.43 -18.06 15.41
C ILE B 94 -5.60 -19.32 15.69
N ALA B 95 -4.29 -19.17 15.89
CA ALA B 95 -3.40 -20.31 16.18
C ALA B 95 -3.91 -21.01 17.44
N LYS B 96 -4.21 -20.22 18.46
CA LYS B 96 -4.75 -20.72 19.72
C LYS B 96 -6.15 -21.35 19.60
N ALA B 97 -7.05 -20.71 18.86
CA ALA B 97 -8.41 -21.25 18.69
C ALA B 97 -8.40 -22.56 17.89
N VAL B 98 -7.61 -22.60 16.81
CA VAL B 98 -7.47 -23.81 15.98
C VAL B 98 -6.90 -24.99 16.78
N LYS B 99 -5.87 -24.73 17.60
CA LYS B 99 -5.26 -25.79 18.38
C LYS B 99 -6.26 -26.35 19.39
N LYS B 100 -7.02 -25.46 20.03
CA LYS B 100 -8.05 -25.92 21.00
C LYS B 100 -9.19 -26.61 20.29
N ALA B 101 -9.72 -25.99 19.24
CA ALA B 101 -10.89 -26.53 18.54
C ALA B 101 -10.65 -27.94 17.98
N PHE B 102 -9.40 -28.25 17.64
CA PHE B 102 -9.08 -29.55 17.05
C PHE B 102 -8.20 -30.44 17.93
N GLN B 103 -7.99 -30.01 19.18
CA GLN B 103 -7.06 -30.67 20.10
C GLN B 103 -5.77 -31.03 19.37
N ALA B 104 -5.21 -30.04 18.66
CA ALA B 104 -4.02 -30.25 17.86
C ALA B 104 -2.78 -30.38 18.73
N ASP B 105 -1.86 -31.25 18.32
CA ASP B 105 -0.57 -31.39 19.00
C ASP B 105 0.32 -30.19 18.72
N GLY B 106 0.21 -29.62 17.52
CA GLY B 106 0.99 -28.45 17.15
C GLY B 106 0.30 -27.53 16.17
N ILE B 107 0.90 -26.36 15.95
CA ILE B 107 0.40 -25.39 14.98
C ILE B 107 1.55 -24.92 14.11
N THR B 108 1.39 -25.07 12.80
CA THR B 108 2.36 -24.52 11.84
C THR B 108 1.79 -23.25 11.20
N VAL B 109 2.57 -22.17 11.29
CA VAL B 109 2.21 -20.90 10.66
C VAL B 109 3.14 -20.74 9.48
N MET B 110 2.58 -20.46 8.30
CA MET B 110 3.42 -20.22 7.13
C MET B 110 2.98 -18.97 6.40
N GLN B 111 3.93 -18.31 5.76
CA GLN B 111 3.58 -17.14 4.97
C GLN B 111 4.52 -17.11 3.74
N PHE B 112 3.90 -17.09 2.57
CA PHE B 112 4.63 -17.23 1.30
C PHE B 112 4.72 -15.97 0.46
N ASN B 113 5.94 -15.63 0.06
CA ASN B 113 6.19 -14.47 -0.78
C ASN B 113 6.77 -14.86 -2.14
N GLU B 114 5.95 -14.71 -3.18
CA GLU B 114 6.30 -14.94 -4.59
C GLU B 114 6.16 -16.40 -5.03
N ALA B 115 6.12 -16.58 -6.35
CA ALA B 115 6.06 -17.90 -7.01
C ALA B 115 7.07 -18.89 -6.46
N ALA B 116 8.31 -18.46 -6.29
CA ALA B 116 9.36 -19.35 -5.80
C ALA B 116 9.15 -19.84 -4.36
N SER B 117 8.33 -19.11 -3.59
CA SER B 117 7.87 -19.57 -2.28
C SER B 117 6.51 -20.26 -2.35
N GLN B 118 6.06 -20.60 -3.56
CA GLN B 118 4.76 -21.27 -3.74
C GLN B 118 3.57 -20.41 -3.23
N GLN B 119 3.71 -19.09 -3.24
CA GLN B 119 2.54 -18.24 -3.01
C GLN B 119 1.58 -18.46 -4.19
N THR B 120 0.32 -18.78 -3.90
CA THR B 120 -0.63 -19.10 -4.99
C THR B 120 -1.63 -17.99 -5.28
N VAL B 121 -1.96 -17.21 -4.25
CA VAL B 121 -2.85 -16.04 -4.43
C VAL B 121 -2.05 -14.84 -3.98
N TYR B 122 -1.98 -13.82 -4.83
CA TYR B 122 -1.11 -12.66 -4.60
C TYR B 122 -1.76 -11.57 -3.78
N HIS B 123 -2.29 -12.00 -2.63
CA HIS B 123 -2.72 -11.13 -1.55
C HIS B 123 -2.09 -11.68 -0.24
N LEU B 124 -1.65 -10.80 0.66
CA LEU B 124 -1.01 -11.24 1.91
C LEU B 124 -1.91 -12.22 2.67
N HIS B 125 -1.44 -13.44 2.91
CA HIS B 125 -2.14 -14.36 3.77
C HIS B 125 -1.19 -15.20 4.60
N PHE B 126 -1.55 -15.43 5.87
CA PHE B 126 -0.88 -16.41 6.74
C PHE B 126 -1.70 -17.72 6.79
N HIS B 127 -1.01 -18.83 6.63
CA HIS B 127 -1.58 -20.16 6.87
C HIS B 127 -1.49 -20.53 8.35
N ILE B 128 -2.61 -20.98 8.92
CA ILE B 128 -2.61 -21.55 10.28
C ILE B 128 -3.05 -23.01 10.22
N ILE B 129 -2.09 -23.91 10.41
CA ILE B 129 -2.30 -25.33 10.17
C ILE B 129 -2.12 -26.17 11.43
N PRO B 130 -3.19 -26.83 11.87
CA PRO B 130 -3.03 -27.77 12.98
C PRO B 130 -2.22 -29.02 12.60
N ARG B 131 -1.36 -29.45 13.54
CA ARG B 131 -0.53 -30.63 13.33
C ARG B 131 -0.89 -31.67 14.36
N MET B 132 -0.75 -32.93 13.97
CA MET B 132 -0.90 -34.04 14.91
C MET B 132 0.39 -34.81 14.86
N GLU B 133 0.81 -35.32 16.02
CA GLU B 133 2.02 -36.11 16.12
C GLU B 133 1.98 -37.26 15.11
N GLY B 134 3.03 -37.36 14.29
CA GLY B 134 3.19 -38.44 13.32
C GLY B 134 2.24 -38.43 12.13
N ILE B 135 1.61 -37.30 11.88
CA ILE B 135 0.77 -37.14 10.71
C ILE B 135 1.45 -36.08 9.82
N GLU B 136 2.03 -36.52 8.70
CA GLU B 136 2.80 -35.64 7.82
C GLU B 136 1.94 -34.68 6.99
N ASN B 141 -2.91 -29.52 -2.10
CA ASN B 141 -3.65 -30.30 -3.07
C ASN B 141 -4.67 -29.46 -3.84
N ASN B 142 -5.34 -30.07 -4.81
CA ASN B 142 -6.41 -29.40 -5.57
C ASN B 142 -7.79 -30.04 -5.33
N ILE B 143 -7.91 -30.75 -4.20
CA ILE B 143 -9.17 -31.35 -3.76
C ILE B 143 -9.92 -30.30 -2.93
N ILE B 144 -11.05 -29.80 -3.43
CA ILE B 144 -11.85 -28.83 -2.66
C ILE B 144 -12.63 -29.60 -1.57
N THR B 145 -12.65 -29.05 -0.36
CA THR B 145 -13.50 -29.61 0.69
C THR B 145 -14.91 -29.01 0.57
N PRO B 146 -15.96 -29.86 0.57
CA PRO B 146 -17.33 -29.32 0.45
C PRO B 146 -17.64 -28.23 1.47
N THR B 147 -18.36 -27.21 1.05
CA THR B 147 -18.60 -26.03 1.88
C THR B 147 -19.22 -26.40 3.24
N GLU B 148 -20.19 -27.30 3.23
CA GLU B 148 -20.82 -27.79 4.48
C GLU B 148 -19.80 -28.33 5.51
N ILE B 149 -18.79 -29.06 5.05
CA ILE B 149 -17.73 -29.56 5.94
C ILE B 149 -16.85 -28.44 6.53
N LEU B 150 -16.49 -27.46 5.70
CA LEU B 150 -15.73 -26.31 6.16
C LEU B 150 -16.45 -25.57 7.27
N GLU B 151 -17.79 -25.49 7.14
CA GLU B 151 -18.67 -24.85 8.14
C GLU B 151 -18.66 -25.55 9.50
N GLU B 152 -18.77 -26.87 9.50
CA GLU B 152 -18.68 -27.64 10.74
C GLU B 152 -17.34 -27.39 11.43
N ASN B 153 -16.27 -27.28 10.63
CA ASN B 153 -14.94 -26.97 11.16
C ASN B 153 -14.84 -25.52 11.65
N ALA B 154 -15.48 -24.62 10.92
CA ALA B 154 -15.55 -23.20 11.31
C ALA B 154 -16.22 -23.00 12.67
N LYS B 155 -17.32 -23.71 12.88
CA LYS B 155 -18.09 -23.60 14.13
C LYS B 155 -17.25 -23.95 15.36
N LYS B 156 -16.46 -25.01 15.25
CA LYS B 156 -15.51 -25.44 16.30
C LYS B 156 -14.49 -24.35 16.63
N ILE B 157 -13.94 -23.75 15.58
CA ILE B 157 -12.99 -22.66 15.72
C ILE B 157 -13.69 -21.44 16.34
N ARG B 158 -14.89 -21.13 15.85
CA ARG B 158 -15.67 -19.98 16.38
C ARG B 158 -15.98 -20.13 17.87
N ALA B 159 -16.25 -21.35 18.31
CA ALA B 159 -16.52 -21.62 19.72
C ALA B 159 -15.26 -21.60 20.59
N ALA B 160 -14.09 -21.87 19.98
CA ALA B 160 -12.80 -21.90 20.67
C ALA B 160 -12.13 -20.52 20.80
N LEU B 161 -12.65 -19.53 20.10
CA LEU B 161 -12.17 -18.17 20.20
C LEU B 161 -12.58 -17.63 21.56
N GLN C 24 -9.46 24.73 -30.26
CA GLN C 24 -8.04 25.15 -30.08
C GLN C 24 -7.14 24.01 -29.59
N ALA C 25 -5.93 23.96 -30.15
CA ALA C 25 -4.95 22.92 -29.85
C ALA C 25 -3.62 23.48 -29.36
N TYR C 26 -2.65 22.59 -29.17
CA TYR C 26 -1.39 22.87 -28.50
C TYR C 26 -0.50 23.87 -29.25
N ASP C 27 0.10 24.78 -28.49
CA ASP C 27 0.96 25.81 -29.04
C ASP C 27 2.40 25.59 -28.59
N ASN C 28 3.28 25.29 -29.56
CA ASN C 28 4.70 25.08 -29.30
C ASN C 28 5.41 26.26 -28.66
N ASN C 29 4.70 27.39 -28.60
CA ASN C 29 5.24 28.64 -28.09
C ASN C 29 4.73 29.09 -26.75
N ASN C 30 3.86 28.28 -26.13
CA ASN C 30 3.41 28.58 -24.78
C ASN C 30 4.60 28.60 -23.83
N ILE C 31 4.45 29.33 -22.71
CA ILE C 31 5.57 29.59 -21.79
C ILE C 31 6.25 28.32 -21.25
N PHE C 32 5.47 27.26 -21.01
CA PHE C 32 6.05 26.03 -20.47
C PHE C 32 6.79 25.26 -21.54
N ALA C 33 6.28 25.30 -22.78
CA ALA C 33 7.01 24.78 -23.95
C ALA C 33 8.36 25.48 -24.09
N LYS C 34 8.38 26.80 -23.87
CA LYS C 34 9.60 27.59 -23.91
C LYS C 34 10.54 27.24 -22.73
N LEU C 35 9.96 27.01 -21.55
CA LEU C 35 10.74 26.58 -20.40
C LEU C 35 11.49 25.26 -20.73
N ILE C 36 10.72 24.30 -21.25
CA ILE C 36 11.28 23.01 -21.68
C ILE C 36 12.51 23.19 -22.59
N ARG C 37 12.43 24.16 -23.51
CA ARG C 37 13.53 24.42 -24.48
C ARG C 37 14.57 25.40 -23.93
N ASN C 38 14.52 25.67 -22.63
CA ASN C 38 15.44 26.60 -21.96
C ASN C 38 15.44 28.03 -22.53
N GLU C 39 14.29 28.47 -23.02
CA GLU C 39 14.19 29.78 -23.68
C GLU C 39 13.79 30.86 -22.69
N ILE C 40 13.44 30.41 -21.48
CA ILE C 40 13.19 31.27 -20.34
C ILE C 40 13.84 30.63 -19.10
N PRO C 41 14.15 31.46 -18.08
CA PRO C 41 14.77 30.85 -16.92
C PRO C 41 13.75 30.05 -16.13
N SER C 42 14.24 29.08 -15.38
CA SER C 42 13.40 28.32 -14.47
C SER C 42 14.22 27.88 -13.29
N VAL C 43 13.54 27.65 -12.17
CA VAL C 43 14.19 27.12 -10.97
C VAL C 43 13.65 25.70 -10.81
N ARG C 44 14.49 24.72 -11.10
CA ARG C 44 14.03 23.34 -11.15
C ARG C 44 14.46 22.54 -9.94
N VAL C 45 13.54 21.71 -9.46
CA VAL C 45 13.85 20.80 -8.36
C VAL C 45 14.59 19.61 -8.95
N TYR C 46 13.99 19.02 -9.96
CA TYR C 46 14.68 17.98 -10.72
C TYR C 46 13.97 17.77 -12.05
N GLU C 47 14.59 16.97 -12.90
CA GLU C 47 13.98 16.65 -14.17
C GLU C 47 14.51 15.30 -14.65
N ASP C 48 13.77 14.68 -15.56
CA ASP C 48 14.30 13.54 -16.28
C ASP C 48 13.80 13.57 -17.73
N ASP C 49 13.89 12.47 -18.45
CA ASP C 49 13.45 12.46 -19.86
C ASP C 49 11.95 12.69 -20.04
N ASP C 50 11.19 12.48 -18.96
CA ASP C 50 9.73 12.61 -18.97
C ASP C 50 9.17 13.94 -18.39
N VAL C 51 9.81 14.47 -17.34
CA VAL C 51 9.19 15.58 -16.59
C VAL C 51 10.17 16.66 -16.16
N ILE C 52 9.61 17.80 -15.73
CA ILE C 52 10.34 18.84 -15.04
C ILE C 52 9.48 19.27 -13.85
N ALA C 53 10.07 19.25 -12.66
CA ALA C 53 9.50 19.94 -11.51
C ALA C 53 10.24 21.24 -11.30
N PHE C 54 9.48 22.31 -11.16
CA PHE C 54 10.06 23.63 -11.00
C PHE C 54 9.21 24.53 -10.12
N MET C 55 9.83 25.58 -9.59
CA MET C 55 9.16 26.50 -8.67
C MET C 55 8.18 27.47 -9.35
N ASP C 56 7.00 27.60 -8.76
CA ASP C 56 6.02 28.57 -9.21
C ASP C 56 6.54 29.95 -8.80
N ILE C 57 6.60 30.85 -9.76
CA ILE C 57 7.07 32.21 -9.50
C ILE C 57 6.06 33.08 -8.75
N MET C 58 4.82 32.60 -8.65
CA MET C 58 3.82 33.28 -7.83
C MET C 58 3.25 32.30 -6.79
N PRO C 59 4.11 31.87 -5.85
CA PRO C 59 3.74 30.78 -4.98
C PRO C 59 2.59 31.14 -4.05
N GLN C 60 1.66 30.20 -3.92
CA GLN C 60 0.55 30.34 -2.99
C GLN C 60 0.99 30.03 -1.56
N ALA C 61 2.18 29.44 -1.44
CA ALA C 61 2.78 29.06 -0.16
C ALA C 61 4.23 28.78 -0.46
N PRO C 62 5.15 28.99 0.51
CA PRO C 62 6.55 28.68 0.26
C PRO C 62 6.73 27.21 -0.10
N GLY C 63 7.40 26.95 -1.22
CA GLY C 63 7.64 25.59 -1.73
C GLY C 63 6.68 25.10 -2.79
N HIS C 64 5.73 25.97 -3.18
CA HIS C 64 4.75 25.70 -4.23
C HIS C 64 5.46 25.29 -5.51
N THR C 65 5.22 24.06 -5.95
CA THR C 65 5.93 23.46 -7.07
C THR C 65 4.96 23.06 -8.19
N LEU C 66 5.44 23.09 -9.43
CA LEU C 66 4.65 22.68 -10.59
C LEU C 66 5.32 21.49 -11.22
N VAL C 67 4.51 20.56 -11.72
CA VAL C 67 5.07 19.41 -12.46
C VAL C 67 4.49 19.46 -13.86
N ILE C 68 5.37 19.40 -14.86
CA ILE C 68 4.96 19.33 -16.27
C ILE C 68 5.61 18.14 -17.00
N PRO C 69 4.92 17.61 -18.02
CA PRO C 69 5.56 16.65 -18.92
C PRO C 69 6.47 17.42 -19.91
N LYS C 70 7.57 16.79 -20.30
CA LYS C 70 8.44 17.35 -21.35
C LYS C 70 7.78 17.26 -22.73
N LYS C 71 6.98 16.22 -22.93
CA LYS C 71 6.22 16.08 -24.18
C LYS C 71 4.99 16.96 -24.08
N GLY C 72 4.50 17.51 -25.18
CA GLY C 72 3.48 18.54 -25.11
C GLY C 72 2.02 18.11 -25.17
N SER C 73 1.26 18.51 -24.16
CA SER C 73 -0.19 18.46 -24.25
CA SER C 73 -0.20 18.42 -24.19
C SER C 73 -0.77 19.70 -23.61
N ARG C 74 -1.94 20.13 -24.08
CA ARG C 74 -2.58 21.35 -23.58
C ARG C 74 -2.96 21.24 -22.11
N ASN C 75 -3.58 20.10 -21.76
CA ASN C 75 -4.02 19.87 -20.37
C ASN C 75 -4.24 18.39 -20.10
N LEU C 76 -5.14 18.06 -19.18
CA LEU C 76 -5.41 16.65 -18.89
C LEU C 76 -6.20 15.96 -20.02
N LEU C 77 -7.05 16.73 -20.66
CA LEU C 77 -8.03 16.23 -21.62
C LEU C 77 -7.39 15.63 -22.88
N ASP C 78 -6.30 16.25 -23.35
CA ASP C 78 -5.64 15.77 -24.57
C ASP C 78 -4.37 15.01 -24.25
N ALA C 79 -4.12 14.80 -22.95
CA ALA C 79 -2.86 14.27 -22.48
C ALA C 79 -2.57 12.87 -22.97
N ASP C 80 -1.34 12.74 -23.45
CA ASP C 80 -0.75 11.48 -23.72
C ASP C 80 -0.97 10.59 -22.50
N THR C 81 -1.92 9.67 -22.65
CA THR C 81 -2.28 8.80 -21.57
C THR C 81 -1.02 8.09 -21.05
N GLU C 82 -0.12 7.70 -21.95
CA GLU C 82 1.18 7.13 -21.58
C GLU C 82 1.78 8.04 -20.52
N THR C 83 2.11 9.26 -20.96
CA THR C 83 2.86 10.24 -20.20
C THR C 83 2.21 10.78 -18.91
N LEU C 84 0.91 10.53 -18.74
CA LEU C 84 0.29 10.79 -17.42
C LEU C 84 0.95 9.93 -16.32
N PHE C 85 1.52 8.78 -16.69
CA PHE C 85 2.12 7.90 -15.67
C PHE C 85 3.39 8.54 -15.03
N PRO C 86 4.40 8.90 -15.86
CA PRO C 86 5.54 9.61 -15.22
C PRO C 86 5.16 10.95 -14.60
N VAL C 87 4.15 11.62 -15.16
CA VAL C 87 3.68 12.86 -14.54
C VAL C 87 3.14 12.61 -13.11
N ILE C 88 2.22 11.65 -12.95
CA ILE C 88 1.64 11.40 -11.62
C ILE C 88 2.66 10.82 -10.62
N LYS C 89 3.56 9.98 -11.09
CA LYS C 89 4.71 9.53 -10.29
C LYS C 89 5.51 10.73 -9.73
N ALA C 90 5.76 11.73 -10.58
CA ALA C 90 6.60 12.87 -10.20
C ALA C 90 5.83 13.76 -9.25
N VAL C 91 4.53 13.88 -9.46
CA VAL C 91 3.68 14.66 -8.55
C VAL C 91 3.71 14.06 -7.14
N GLN C 92 3.63 12.73 -7.06
CA GLN C 92 3.73 12.03 -5.75
C GLN C 92 5.11 12.25 -5.11
N LYS C 93 6.18 12.12 -5.90
CA LYS C 93 7.56 12.39 -5.40
C LYS C 93 7.73 13.81 -4.88
N ILE C 94 7.17 14.75 -5.62
CA ILE C 94 7.25 16.15 -5.25
C ILE C 94 6.38 16.44 -4.02
N ALA C 95 5.15 15.92 -4.00
CA ALA C 95 4.28 16.04 -2.81
C ALA C 95 4.99 15.59 -1.53
N LYS C 96 5.61 14.42 -1.58
CA LYS C 96 6.32 13.89 -0.40
C LYS C 96 7.52 14.75 0.01
N ALA C 97 8.30 15.19 -0.97
CA ALA C 97 9.54 15.93 -0.71
C ALA C 97 9.21 17.35 -0.26
N VAL C 98 8.21 17.98 -0.87
CA VAL C 98 7.72 19.29 -0.38
C VAL C 98 7.24 19.15 1.07
N LYS C 99 6.44 18.13 1.35
CA LYS C 99 5.95 17.96 2.73
C LYS C 99 7.11 17.84 3.72
N LYS C 100 8.08 16.98 3.41
CA LYS C 100 9.25 16.78 4.30
C LYS C 100 10.11 18.04 4.41
N ALA C 101 10.42 18.66 3.26
CA ALA C 101 11.32 19.80 3.21
C ALA C 101 10.82 20.99 4.05
N PHE C 102 9.50 21.17 4.02
CA PHE C 102 8.86 22.30 4.71
C PHE C 102 8.15 21.91 6.02
N GLN C 103 8.27 20.64 6.40
CA GLN C 103 7.53 20.10 7.55
C GLN C 103 6.09 20.60 7.53
N ALA C 104 5.46 20.37 6.39
CA ALA C 104 4.14 20.87 6.11
C ALA C 104 3.12 19.92 6.71
N ASP C 105 1.99 20.49 7.16
CA ASP C 105 0.89 19.70 7.70
C ASP C 105 0.11 18.94 6.62
N GLY C 106 0.04 19.52 5.42
CA GLY C 106 -0.70 18.88 4.31
C GLY C 106 -0.16 19.27 2.94
N ILE C 107 -0.80 18.69 1.91
CA ILE C 107 -0.45 18.96 0.53
C ILE C 107 -1.73 19.02 -0.28
N THR C 108 -1.89 20.10 -1.03
CA THR C 108 -3.01 20.25 -1.97
C THR C 108 -2.48 20.10 -3.39
N VAL C 109 -3.07 19.17 -4.15
CA VAL C 109 -2.71 18.97 -5.55
C VAL C 109 -3.87 19.51 -6.38
N MET C 110 -3.56 20.33 -7.37
CA MET C 110 -4.56 20.90 -8.26
C MET C 110 -4.10 20.83 -9.70
N GLN C 111 -5.08 20.69 -10.60
CA GLN C 111 -4.82 20.66 -12.03
C GLN C 111 -6.04 21.26 -12.73
N PHE C 112 -5.81 22.20 -13.63
CA PHE C 112 -6.90 22.97 -14.18
C PHE C 112 -6.96 22.81 -15.69
N ASN C 113 -8.19 22.67 -16.18
CA ASN C 113 -8.46 22.46 -17.59
C ASN C 113 -9.38 23.51 -18.17
N GLU C 114 -8.81 24.33 -19.07
CA GLU C 114 -9.47 25.42 -19.81
C GLU C 114 -9.71 26.69 -18.96
N ALA C 115 -10.11 27.76 -19.65
CA ALA C 115 -10.25 29.10 -19.07
C ALA C 115 -11.24 29.15 -17.92
N ALA C 116 -12.36 28.43 -18.04
CA ALA C 116 -13.39 28.37 -17.00
C ALA C 116 -12.87 27.81 -15.66
N SER C 117 -11.78 27.04 -15.74
CA SER C 117 -11.12 26.53 -14.54
CA SER C 117 -11.11 26.49 -14.57
C SER C 117 -9.86 27.32 -14.23
N GLN C 118 -9.73 28.47 -14.88
CA GLN C 118 -8.57 29.36 -14.69
C GLN C 118 -7.23 28.77 -15.14
N GLN C 119 -7.26 27.85 -16.11
CA GLN C 119 -6.02 27.52 -16.79
C GLN C 119 -5.64 28.74 -17.63
N THR C 120 -4.43 29.25 -17.42
CA THR C 120 -3.91 30.37 -18.20
C THR C 120 -2.72 29.99 -19.05
N VAL C 121 -1.96 28.99 -18.60
CA VAL C 121 -0.89 28.39 -19.42
C VAL C 121 -1.36 27.03 -19.98
N TYR C 122 -1.50 26.97 -21.31
CA TYR C 122 -2.00 25.79 -22.00
C TYR C 122 -0.94 24.72 -22.30
N HIS C 123 -0.29 24.30 -21.22
CA HIS C 123 0.56 23.12 -21.18
C HIS C 123 0.21 22.43 -19.86
N LEU C 124 0.06 21.12 -19.92
CA LEU C 124 -0.36 20.33 -18.75
C LEU C 124 0.55 20.61 -17.56
N HIS C 125 -0.04 21.06 -16.47
CA HIS C 125 0.71 21.23 -15.23
C HIS C 125 -0.09 20.86 -13.98
N PHE C 126 0.56 20.15 -13.04
CA PHE C 126 -0.04 19.93 -11.71
C PHE C 126 0.61 20.87 -10.70
N HIS C 127 -0.22 21.45 -9.83
CA HIS C 127 0.23 22.25 -8.69
C HIS C 127 0.43 21.33 -7.47
N ILE C 128 1.53 21.50 -6.75
CA ILE C 128 1.78 20.82 -5.47
C ILE C 128 1.99 21.94 -4.45
N ILE C 129 1.01 22.12 -3.56
CA ILE C 129 1.04 23.28 -2.65
C ILE C 129 1.05 22.82 -1.20
N PRO C 130 2.13 23.17 -0.46
CA PRO C 130 2.16 22.76 0.94
C PRO C 130 1.18 23.58 1.77
N ARG C 131 0.59 22.93 2.76
CA ARG C 131 -0.46 23.49 3.58
C ARG C 131 -0.07 23.47 5.05
N MET C 132 -0.49 24.49 5.79
CA MET C 132 -0.30 24.51 7.23
C MET C 132 -1.64 24.64 7.94
N GLU C 133 -1.80 23.89 9.03
CA GLU C 133 -2.97 23.95 9.91
C GLU C 133 -3.46 25.39 10.14
N GLY C 134 -4.73 25.63 9.82
CA GLY C 134 -5.38 26.92 10.08
C GLY C 134 -5.10 28.02 9.06
N ILE C 135 -4.22 27.73 8.10
CA ILE C 135 -3.85 28.72 7.09
C ILE C 135 -4.57 28.46 5.77
N GLU C 136 -5.47 29.38 5.41
CA GLU C 136 -6.23 29.28 4.16
C GLU C 136 -5.33 29.62 2.97
N LEU C 137 -5.74 29.23 1.77
CA LEU C 137 -5.02 29.63 0.56
C LEU C 137 -5.53 30.97 0.02
N THR C 138 -4.75 31.61 -0.84
CA THR C 138 -5.15 32.88 -1.46
C THR C 138 -4.59 33.03 -2.87
N PRO C 139 -5.33 32.57 -3.89
CA PRO C 139 -4.96 32.91 -5.27
C PRO C 139 -5.52 34.29 -5.65
N ASN C 142 -1.15 38.57 -6.40
CA ASN C 142 0.05 39.08 -7.07
C ASN C 142 1.23 39.15 -6.09
N ILE C 143 1.79 37.98 -5.78
CA ILE C 143 3.04 37.86 -5.04
C ILE C 143 4.14 37.36 -5.97
N ILE C 144 5.25 38.08 -6.04
CA ILE C 144 6.35 37.65 -6.90
C ILE C 144 7.59 37.35 -6.07
N THR C 145 7.99 36.09 -6.13
CA THR C 145 9.14 35.60 -5.38
C THR C 145 10.31 35.47 -6.33
N PRO C 146 11.44 36.09 -5.96
CA PRO C 146 12.63 36.17 -6.80
C PRO C 146 13.42 34.88 -6.78
N THR C 147 14.26 34.72 -7.81
CA THR C 147 15.06 33.51 -8.04
C THR C 147 15.86 33.01 -6.84
N GLU C 148 16.48 33.94 -6.10
CA GLU C 148 17.35 33.59 -4.96
C GLU C 148 16.60 32.77 -3.91
N ILE C 149 15.36 33.19 -3.62
CA ILE C 149 14.54 32.55 -2.61
C ILE C 149 13.93 31.26 -3.16
N LEU C 150 13.52 31.29 -4.43
CA LEU C 150 13.01 30.09 -5.09
C LEU C 150 14.11 29.01 -5.15
N GLU C 151 15.33 29.43 -5.47
CA GLU C 151 16.46 28.54 -5.53
C GLU C 151 16.68 27.89 -4.17
N GLU C 152 16.56 28.67 -3.10
CA GLU C 152 16.73 28.12 -1.74
C GLU C 152 15.72 27.04 -1.44
N ASN C 153 14.45 27.33 -1.74
CA ASN C 153 13.35 26.41 -1.47
C ASN C 153 13.48 25.18 -2.31
N ALA C 154 13.94 25.34 -3.56
CA ALA C 154 14.17 24.21 -4.46
C ALA C 154 15.27 23.29 -3.97
N LYS C 155 16.33 23.84 -3.41
CA LYS C 155 17.42 23.02 -2.84
C LYS C 155 16.89 22.16 -1.68
N LYS C 156 16.01 22.75 -0.86
CA LYS C 156 15.41 22.05 0.27
C LYS C 156 14.57 20.87 -0.23
N ILE C 157 13.75 21.13 -1.25
CA ILE C 157 12.95 20.05 -1.85
C ILE C 157 13.84 19.00 -2.51
N ARG C 158 14.87 19.44 -3.24
CA ARG C 158 15.80 18.51 -3.89
C ARG C 158 16.44 17.59 -2.84
N ALA C 159 16.85 18.19 -1.73
CA ALA C 159 17.46 17.44 -0.61
C ALA C 159 16.51 16.42 0.01
N ALA C 160 15.20 16.64 -0.10
CA ALA C 160 14.22 15.74 0.51
C ALA C 160 13.80 14.57 -0.39
N LEU C 161 14.23 14.61 -1.65
CA LEU C 161 13.92 13.56 -2.61
C LEU C 161 14.56 12.21 -2.25
N ALA D 25 -2.43 5.14 10.93
CA ALA D 25 -2.72 3.90 10.15
C ALA D 25 -3.89 4.15 9.20
N TYR D 26 -3.91 3.42 8.09
CA TYR D 26 -5.07 3.43 7.20
C TYR D 26 -6.29 2.90 7.95
N ASP D 27 -7.43 3.53 7.76
CA ASP D 27 -8.66 3.15 8.44
C ASP D 27 -9.52 2.30 7.50
N ASN D 28 -9.60 0.99 7.76
CA ASN D 28 -10.37 0.11 6.86
C ASN D 28 -11.90 0.29 6.98
N ASN D 29 -12.36 1.08 7.97
CA ASN D 29 -13.75 1.47 8.03
C ASN D 29 -14.06 2.88 7.51
N ASN D 30 -13.10 3.51 6.80
CA ASN D 30 -13.39 4.80 6.16
C ASN D 30 -14.47 4.59 5.08
N ILE D 31 -15.20 5.64 4.80
CA ILE D 31 -16.42 5.51 4.03
C ILE D 31 -16.19 4.99 2.63
N PHE D 32 -15.04 5.35 2.03
CA PHE D 32 -14.75 4.84 0.69
C PHE D 32 -14.27 3.39 0.70
N ALA D 33 -13.61 2.94 1.76
CA ALA D 33 -13.28 1.51 1.89
C ALA D 33 -14.57 0.69 2.03
N LYS D 34 -15.52 1.23 2.78
CA LYS D 34 -16.85 0.59 2.93
C LYS D 34 -17.60 0.51 1.60
N LEU D 35 -17.52 1.59 0.82
CA LEU D 35 -18.11 1.65 -0.54
C LEU D 35 -17.51 0.56 -1.45
N ILE D 36 -16.18 0.45 -1.44
CA ILE D 36 -15.46 -0.54 -2.25
C ILE D 36 -15.90 -1.97 -1.91
N ARG D 37 -16.11 -2.25 -0.62
CA ARG D 37 -16.58 -3.55 -0.16
C ARG D 37 -18.10 -3.75 -0.32
N ASN D 38 -18.80 -2.75 -0.87
CA ASN D 38 -20.26 -2.83 -1.12
C ASN D 38 -21.09 -2.80 0.18
N GLU D 39 -20.52 -2.21 1.22
CA GLU D 39 -21.21 -2.11 2.52
C GLU D 39 -22.20 -0.95 2.55
N ILE D 40 -21.92 0.05 1.71
CA ILE D 40 -22.80 1.20 1.56
C ILE D 40 -22.96 1.57 0.07
N PRO D 41 -24.15 2.06 -0.31
CA PRO D 41 -24.49 2.34 -1.71
C PRO D 41 -23.70 3.51 -2.28
N SER D 42 -23.54 3.52 -3.60
CA SER D 42 -22.92 4.65 -4.30
C SER D 42 -23.55 4.73 -5.67
N VAL D 43 -23.56 5.93 -6.24
CA VAL D 43 -24.03 6.13 -7.62
C VAL D 43 -22.81 6.11 -8.52
N ARG D 44 -22.53 4.96 -9.13
CA ARG D 44 -21.30 4.75 -9.86
C ARG D 44 -21.42 5.14 -11.32
N VAL D 45 -20.39 5.77 -11.86
CA VAL D 45 -20.42 6.13 -13.28
C VAL D 45 -19.50 5.25 -14.14
N TYR D 46 -18.53 4.62 -13.48
CA TYR D 46 -17.48 3.89 -14.16
C TYR D 46 -16.72 3.02 -13.16
N GLU D 47 -16.27 1.87 -13.62
CA GLU D 47 -15.58 0.94 -12.75
C GLU D 47 -14.77 0.00 -13.64
N ASP D 48 -13.52 -0.23 -13.27
CA ASP D 48 -12.71 -1.27 -13.92
C ASP D 48 -12.05 -2.10 -12.83
N ASP D 49 -11.07 -2.93 -13.18
CA ASP D 49 -10.42 -3.78 -12.21
C ASP D 49 -9.81 -2.98 -11.04
N ASP D 50 -9.43 -1.73 -11.31
CA ASP D 50 -8.61 -0.97 -10.36
C ASP D 50 -9.29 0.25 -9.75
N VAL D 51 -10.36 0.74 -10.37
CA VAL D 51 -10.94 2.04 -9.93
C VAL D 51 -12.48 2.04 -9.90
N ILE D 52 -13.03 2.96 -9.11
CA ILE D 52 -14.45 3.26 -9.13
C ILE D 52 -14.57 4.76 -9.20
N ALA D 53 -15.45 5.21 -10.08
CA ALA D 53 -15.83 6.61 -10.13
C ALA D 53 -17.32 6.69 -9.80
N PHE D 54 -17.68 7.69 -9.00
CA PHE D 54 -19.02 7.80 -8.46
C PHE D 54 -19.34 9.25 -8.11
N MET D 55 -20.62 9.54 -7.99
CA MET D 55 -21.12 10.90 -7.75
C MET D 55 -20.82 11.39 -6.34
N ASP D 56 -20.29 12.61 -6.23
CA ASP D 56 -20.10 13.23 -4.92
C ASP D 56 -21.50 13.57 -4.45
N ILE D 57 -21.83 13.17 -3.23
CA ILE D 57 -23.20 13.39 -2.72
C ILE D 57 -23.45 14.79 -2.17
N MET D 58 -22.41 15.60 -2.09
CA MET D 58 -22.53 17.05 -1.83
C MET D 58 -21.81 17.80 -2.95
N PRO D 59 -22.32 17.70 -4.20
CA PRO D 59 -21.58 18.22 -5.33
C PRO D 59 -21.35 19.73 -5.27
N GLN D 60 -20.16 20.15 -5.69
CA GLN D 60 -19.86 21.57 -5.79
C GLN D 60 -20.42 22.14 -7.10
N ALA D 61 -20.73 21.24 -8.04
CA ALA D 61 -21.39 21.58 -9.30
C ALA D 61 -22.07 20.32 -9.82
N PRO D 62 -23.13 20.46 -10.66
CA PRO D 62 -23.76 19.27 -11.20
C PRO D 62 -22.74 18.44 -11.99
N GLY D 63 -22.71 17.15 -11.70
CA GLY D 63 -21.77 16.24 -12.31
C GLY D 63 -20.45 16.07 -11.56
N HIS D 64 -20.28 16.73 -10.42
CA HIS D 64 -19.09 16.53 -9.53
C HIS D 64 -18.89 15.02 -9.27
N THR D 65 -17.77 14.49 -9.72
CA THR D 65 -17.48 13.03 -9.67
C THR D 65 -16.20 12.79 -8.89
N LEU D 66 -16.17 11.68 -8.16
CA LEU D 66 -14.97 11.24 -7.44
C LEU D 66 -14.41 9.97 -8.08
N VAL D 67 -13.08 9.87 -8.17
CA VAL D 67 -12.39 8.65 -8.65
C VAL D 67 -11.50 8.17 -7.51
N ILE D 68 -11.63 6.89 -7.17
CA ILE D 68 -10.85 6.24 -6.11
C ILE D 68 -10.18 4.98 -6.64
N PRO D 69 -9.00 4.64 -6.11
CA PRO D 69 -8.47 3.31 -6.38
C PRO D 69 -9.25 2.29 -5.55
N LYS D 70 -9.37 1.06 -6.02
CA LYS D 70 -9.96 0.01 -5.14
C LYS D 70 -8.92 -0.40 -4.10
N LYS D 71 -7.65 -0.35 -4.46
CA LYS D 71 -6.60 -0.64 -3.45
C LYS D 71 -6.41 0.59 -2.53
N GLY D 72 -6.56 0.39 -1.23
CA GLY D 72 -6.54 1.50 -0.24
C GLY D 72 -5.20 2.14 0.07
N SER D 73 -5.19 3.47 0.16
CA SER D 73 -4.13 4.16 0.86
C SER D 73 -4.82 5.39 1.44
N ARG D 74 -4.18 6.04 2.40
CA ARG D 74 -4.79 7.24 2.99
C ARG D 74 -4.93 8.38 1.98
N ASN D 75 -3.92 8.55 1.13
CA ASN D 75 -3.89 9.65 0.17
C ASN D 75 -2.82 9.43 -0.89
N LEU D 76 -2.27 10.49 -1.45
CA LEU D 76 -1.28 10.32 -2.49
C LEU D 76 0.10 9.98 -1.90
N LEU D 77 0.35 10.45 -0.68
CA LEU D 77 1.66 10.31 -0.02
C LEU D 77 2.05 8.86 0.25
N ASP D 78 1.06 8.02 0.51
CA ASP D 78 1.29 6.63 0.88
C ASP D 78 0.85 5.58 -0.18
N ALA D 79 0.29 6.04 -1.30
CA ALA D 79 -0.17 5.13 -2.34
C ALA D 79 1.02 4.45 -3.00
N ASP D 80 0.86 3.20 -3.40
CA ASP D 80 1.89 2.58 -4.19
CA ASP D 80 1.83 2.52 -4.26
C ASP D 80 1.85 3.22 -5.59
N THR D 81 3.04 3.42 -6.15
CA THR D 81 3.18 4.17 -7.40
C THR D 81 2.40 3.52 -8.55
N GLU D 82 2.36 2.18 -8.58
CA GLU D 82 1.71 1.42 -9.63
CA GLU D 82 1.71 1.45 -9.66
C GLU D 82 0.19 1.67 -9.63
N THR D 83 -0.38 1.86 -8.44
CA THR D 83 -1.80 2.20 -8.34
C THR D 83 -2.14 3.53 -9.02
N LEU D 84 -1.17 4.44 -9.08
CA LEU D 84 -1.46 5.79 -9.55
C LEU D 84 -1.73 5.82 -11.04
N PHE D 85 -1.26 4.81 -11.74
CA PHE D 85 -1.44 4.77 -13.16
C PHE D 85 -2.91 4.52 -13.57
N PRO D 86 -3.52 3.38 -13.18
CA PRO D 86 -4.96 3.28 -13.48
C PRO D 86 -5.80 4.45 -12.89
N VAL D 87 -5.44 4.94 -11.71
CA VAL D 87 -6.15 6.06 -11.15
C VAL D 87 -6.11 7.29 -12.09
N ILE D 88 -4.93 7.75 -12.46
CA ILE D 88 -4.83 8.95 -13.32
C ILE D 88 -5.43 8.75 -14.71
N LYS D 89 -5.34 7.53 -15.26
CA LYS D 89 -5.99 7.20 -16.52
C LYS D 89 -7.54 7.34 -16.42
N ALA D 90 -8.12 6.85 -15.33
CA ALA D 90 -9.55 7.04 -15.05
C ALA D 90 -9.91 8.51 -14.78
N VAL D 91 -9.03 9.25 -14.11
CA VAL D 91 -9.29 10.66 -13.88
C VAL D 91 -9.41 11.42 -15.23
N GLN D 92 -8.53 11.09 -16.18
CA GLN D 92 -8.60 11.66 -17.52
C GLN D 92 -9.89 11.26 -18.27
N LYS D 93 -10.20 9.96 -18.26
CA LYS D 93 -11.42 9.45 -18.85
C LYS D 93 -12.68 10.14 -18.28
N ILE D 94 -12.74 10.28 -16.96
CA ILE D 94 -13.89 10.93 -16.31
C ILE D 94 -13.91 12.44 -16.56
N ALA D 95 -12.74 13.09 -16.54
CA ALA D 95 -12.66 14.50 -16.93
C ALA D 95 -13.33 14.75 -18.29
N LYS D 96 -12.98 13.93 -19.28
CA LYS D 96 -13.49 14.10 -20.64
C LYS D 96 -15.02 13.84 -20.69
N ALA D 97 -15.44 12.76 -20.03
CA ALA D 97 -16.85 12.35 -19.99
C ALA D 97 -17.72 13.37 -19.29
N VAL D 98 -17.26 13.89 -18.15
CA VAL D 98 -18.00 14.93 -17.41
C VAL D 98 -18.12 16.23 -18.23
N LYS D 99 -17.00 16.67 -18.84
CA LYS D 99 -17.05 17.85 -19.72
C LYS D 99 -18.04 17.69 -20.88
N LYS D 100 -18.04 16.53 -21.52
CA LYS D 100 -18.93 16.29 -22.66
C LYS D 100 -20.39 16.21 -22.17
N ALA D 101 -20.62 15.44 -21.11
CA ALA D 101 -21.97 15.22 -20.59
C ALA D 101 -22.69 16.51 -20.19
N PHE D 102 -21.97 17.44 -19.56
CA PHE D 102 -22.58 18.70 -19.10
C PHE D 102 -22.25 19.89 -19.97
N GLN D 103 -21.58 19.63 -21.08
CA GLN D 103 -21.06 20.69 -21.96
C GLN D 103 -20.37 21.77 -21.13
N ALA D 104 -19.49 21.32 -20.22
CA ALA D 104 -18.77 22.22 -19.33
C ALA D 104 -17.71 22.99 -20.10
N ASP D 105 -17.45 24.21 -19.66
CA ASP D 105 -16.41 25.02 -20.30
C ASP D 105 -15.02 24.65 -19.78
N GLY D 106 -14.97 24.10 -18.57
CA GLY D 106 -13.71 23.69 -17.98
C GLY D 106 -13.88 22.53 -17.02
N ILE D 107 -12.76 21.92 -16.63
CA ILE D 107 -12.74 20.87 -15.58
C ILE D 107 -11.62 21.19 -14.59
N THR D 108 -11.98 21.25 -13.30
CA THR D 108 -11.06 21.34 -12.17
C THR D 108 -10.84 19.98 -11.52
N VAL D 109 -9.57 19.61 -11.39
CA VAL D 109 -9.18 18.39 -10.72
C VAL D 109 -8.44 18.73 -9.43
N MET D 110 -8.90 18.17 -8.31
CA MET D 110 -8.31 18.41 -6.99
C MET D 110 -8.02 17.10 -6.29
N GLN D 111 -6.96 17.10 -5.50
CA GLN D 111 -6.65 15.97 -4.66
C GLN D 111 -6.03 16.50 -3.37
N PHE D 112 -6.57 16.07 -2.25
CA PHE D 112 -6.20 16.65 -0.96
C PHE D 112 -5.51 15.64 -0.04
N ASN D 113 -4.43 16.09 0.58
CA ASN D 113 -3.64 15.26 1.46
C ASN D 113 -3.60 15.85 2.85
N GLU D 114 -4.27 15.18 3.79
CA GLU D 114 -4.25 15.55 5.23
C GLU D 114 -5.26 16.65 5.59
N ALA D 115 -5.57 16.78 6.88
CA ALA D 115 -6.56 17.74 7.37
C ALA D 115 -6.27 19.21 6.95
N ALA D 116 -5.00 19.60 6.95
CA ALA D 116 -4.64 20.99 6.59
C ALA D 116 -4.88 21.30 5.11
N SER D 117 -5.07 20.24 4.29
CA SER D 117 -5.51 20.38 2.89
C SER D 117 -7.01 20.06 2.72
N GLN D 118 -7.72 20.04 3.86
CA GLN D 118 -9.15 19.74 3.97
C GLN D 118 -9.52 18.36 3.40
N GLN D 119 -8.63 17.38 3.60
CA GLN D 119 -9.00 16.02 3.30
C GLN D 119 -9.97 15.52 4.39
N THR D 120 -11.16 15.11 3.97
CA THR D 120 -12.24 14.73 4.89
C THR D 120 -12.38 13.20 4.99
N VAL D 121 -12.03 12.51 3.90
CA VAL D 121 -12.08 11.06 3.83
C VAL D 121 -10.66 10.55 3.50
N TYR D 122 -10.13 9.71 4.37
CA TYR D 122 -8.74 9.26 4.31
C TYR D 122 -8.55 7.99 3.49
N HIS D 123 -9.03 8.08 2.25
CA HIS D 123 -8.79 7.12 1.21
C HIS D 123 -8.50 8.00 0.00
N LEU D 124 -7.44 7.68 -0.74
CA LEU D 124 -7.04 8.51 -1.88
C LEU D 124 -8.23 8.75 -2.79
N HIS D 125 -8.52 10.02 -3.10
CA HIS D 125 -9.54 10.30 -4.12
C HIS D 125 -9.27 11.60 -4.87
N PHE D 126 -9.63 11.63 -6.15
CA PHE D 126 -9.53 12.82 -6.99
C PHE D 126 -10.93 13.37 -7.25
N HIS D 127 -11.08 14.68 -7.06
CA HIS D 127 -12.30 15.40 -7.40
C HIS D 127 -12.23 15.80 -8.89
N ILE D 128 -13.34 15.65 -9.58
CA ILE D 128 -13.48 16.12 -10.95
C ILE D 128 -14.70 17.00 -10.96
N ILE D 129 -14.45 18.29 -11.11
CA ILE D 129 -15.52 19.30 -10.98
C ILE D 129 -15.65 20.14 -12.24
N PRO D 130 -16.81 20.03 -12.93
CA PRO D 130 -17.01 20.85 -14.13
C PRO D 130 -17.19 22.33 -13.77
N ARG D 131 -16.70 23.21 -14.63
CA ARG D 131 -16.85 24.65 -14.42
C ARG D 131 -17.50 25.30 -15.63
N MET D 132 -18.13 26.45 -15.42
CA MET D 132 -18.81 27.14 -16.50
C MET D 132 -18.25 28.55 -16.61
N GLU D 133 -18.01 29.00 -17.85
CA GLU D 133 -17.42 30.30 -18.15
C GLU D 133 -18.20 31.43 -17.52
N GLY D 134 -17.48 32.25 -16.77
CA GLY D 134 -18.06 33.39 -16.05
C GLY D 134 -18.67 33.01 -14.71
N ILE D 135 -19.01 31.74 -14.54
CA ILE D 135 -19.71 31.31 -13.34
C ILE D 135 -18.73 30.80 -12.29
N ILE D 144 -27.64 16.34 1.57
CA ILE D 144 -27.38 15.29 0.56
C ILE D 144 -28.26 15.56 -0.66
N THR D 145 -27.63 15.65 -1.83
CA THR D 145 -28.36 15.70 -3.08
C THR D 145 -29.13 14.38 -3.22
N PRO D 146 -30.45 14.46 -3.45
CA PRO D 146 -31.26 13.26 -3.63
C PRO D 146 -30.62 12.34 -4.66
N THR D 147 -30.63 11.05 -4.36
CA THR D 147 -30.03 10.05 -5.23
C THR D 147 -30.58 10.05 -6.64
N GLU D 148 -31.87 10.35 -6.80
CA GLU D 148 -32.43 10.35 -8.15
C GLU D 148 -31.80 11.44 -9.02
N ILE D 149 -31.42 12.57 -8.42
CA ILE D 149 -30.67 13.60 -9.12
C ILE D 149 -29.25 13.14 -9.45
N LEU D 150 -28.61 12.50 -8.49
CA LEU D 150 -27.25 11.99 -8.73
C LEU D 150 -27.26 10.96 -9.84
N GLU D 151 -28.30 10.13 -9.85
CA GLU D 151 -28.45 9.06 -10.82
C GLU D 151 -28.69 9.60 -12.24
N GLU D 152 -29.55 10.62 -12.37
CA GLU D 152 -29.82 11.18 -13.69
C GLU D 152 -28.54 11.84 -14.25
N ASN D 153 -27.80 12.53 -13.39
CA ASN D 153 -26.48 13.07 -13.75
C ASN D 153 -25.47 11.98 -14.12
N ALA D 154 -25.45 10.91 -13.35
CA ALA D 154 -24.61 9.75 -13.68
C ALA D 154 -24.90 9.16 -15.07
N LYS D 155 -26.18 9.09 -15.46
CA LYS D 155 -26.55 8.61 -16.79
C LYS D 155 -25.89 9.43 -17.88
N LYS D 156 -25.95 10.75 -17.72
CA LYS D 156 -25.34 11.63 -18.70
C LYS D 156 -23.85 11.32 -18.83
N ILE D 157 -23.16 11.15 -17.71
CA ILE D 157 -21.73 10.89 -17.74
C ILE D 157 -21.45 9.51 -18.38
N ARG D 158 -22.21 8.50 -17.99
CA ARG D 158 -22.06 7.14 -18.57
C ARG D 158 -22.25 7.19 -20.10
N ALA D 159 -23.22 7.99 -20.55
CA ALA D 159 -23.52 8.11 -21.98
C ALA D 159 -22.38 8.79 -22.73
N ALA D 160 -21.60 9.64 -22.05
CA ALA D 160 -20.47 10.36 -22.64
C ALA D 160 -19.16 9.57 -22.68
N LEU D 161 -19.09 8.43 -21.97
CA LEU D 161 -17.89 7.60 -22.02
C LEU D 161 -17.70 6.96 -23.40
O7 UNL E . 20.53 -21.25 14.81
C7 UNL E . 20.85 -21.67 15.86
N7 UNL E . 20.36 -22.77 16.30
C3 UNL E . 21.83 -20.96 16.74
C2 UNL E . 22.40 -19.78 16.35
C4 UNL E . 22.09 -21.50 17.96
C5 UNL E . 22.97 -20.80 18.71
C6 UNL E . 23.57 -19.61 18.26
N1 UNL E . 23.30 -19.11 17.09
O7 UNL F . -9.05 -20.94 0.46
C7 UNL F . -9.34 -20.29 -0.49
N7 UNL F . -8.59 -20.25 -1.52
C3 UNL F . -10.61 -19.55 -0.63
C2 UNL F . -11.56 -19.46 0.34
C4 UNL F . -10.85 -18.96 -1.83
C5 UNL F . -11.99 -18.25 -1.97
C6 UNL F . -12.92 -18.18 -0.96
N1 UNL F . -12.67 -18.77 0.16
O7 UNL G . 3.45 30.41 -13.80
C7 UNL G . 4.19 30.78 -14.64
N7 UNL G . 3.77 31.51 -15.65
C3 UNL G . 5.61 30.40 -14.54
C2 UNL G . 6.07 29.62 -13.52
C4 UNL G . 6.48 30.90 -15.48
C5 UNL G . 7.78 30.55 -15.39
C6 UNL G . 8.19 29.78 -14.36
N1 UNL G . 7.34 29.32 -13.46
O7 UNL H . -19.43 11.73 -1.90
C7 UNL H . -19.27 11.01 -0.96
N7 UNL H . -18.55 11.37 0.03
C3 UNL H . -19.97 9.69 -0.89
C2 UNL H . -20.66 9.19 -1.96
C4 UNL H . -19.98 8.97 0.26
C5 UNL H . -20.62 7.78 0.32
C6 UNL H . -21.30 7.34 -0.79
N1 UNL H . -21.29 8.03 -1.89
#